data_1JCX
#
_entry.id   1JCX
#
_cell.length_a   84.532
_cell.length_b   84.532
_cell.length_c   160.199
_cell.angle_alpha   90.00
_cell.angle_beta   90.00
_cell.angle_gamma   120.00
#
_symmetry.space_group_name_H-M   'P 31 2 1'
#
loop_
_entity.id
_entity.type
_entity.pdbx_description
1 polymer '2-DEHYDRO-3-DEOXYPHOSPHOOCTONATE ALDOLASE'
2 non-polymer 'CADMIUM ION'
3 non-polymer '{[(2,2-DIHYDROXY-ETHYL)-(2,3,4,5-TETRAHYDROXY-6-PHOSPHONOOXY-HEXYL)-AMINO]-METHYL}-PHOSPHONIC ACID'
4 water water
#
_entity_poly.entity_id   1
_entity_poly.type   'polypeptide(L)'
_entity_poly.pdbx_seq_one_letter_code
;MEKFLVIAGPCAIESEELLLKVGEEIKRLSEKFKEVEFVFKSSFDKANRSSIHSFRGHGLEYGVKALRKVKEEFGLKITT
DIHESWQAEPVAEVADIIQIPAFLCRQTDLLLAAAKTGRAVNVKKGQFLAPWDTKNVVEKLKFGGAKEIYLTERGTTFGY
NNLVVDFRSLPIMKQWAKVIYDATHSVQLPGGLGDKSGGMREFIFPLIRAAVAVGCDGVFMETHPEPEKALSDASTQLPL
SQLEGIIEAILEIREVASKYYETIPVK
;
_entity_poly.pdbx_strand_id   A,B
#
# COMPACT_ATOMS: atom_id res chain seq x y z
N GLU A 2 28.02 11.46 -13.02
CA GLU A 2 27.37 12.09 -11.84
C GLU A 2 27.72 11.27 -10.60
N LYS A 3 27.81 11.93 -9.43
CA LYS A 3 28.15 11.22 -8.21
C LYS A 3 27.13 10.13 -7.90
N PHE A 4 27.63 8.94 -7.63
CA PHE A 4 26.79 7.79 -7.30
C PHE A 4 26.25 7.94 -5.89
N LEU A 5 24.98 7.64 -5.70
CA LEU A 5 24.36 7.77 -4.40
C LEU A 5 24.36 6.44 -3.63
N VAL A 6 24.79 6.49 -2.38
CA VAL A 6 24.75 5.31 -1.53
C VAL A 6 23.96 5.71 -0.30
N ILE A 7 22.75 5.16 -0.21
CA ILE A 7 21.86 5.44 0.91
C ILE A 7 22.02 4.21 1.82
N ALA A 8 22.48 4.44 3.05
CA ALA A 8 22.69 3.32 3.96
C ALA A 8 22.50 3.68 5.42
N GLY A 9 22.17 2.66 6.21
CA GLY A 9 21.96 2.86 7.63
C GLY A 9 21.17 1.71 8.23
N PRO A 10 20.99 1.70 9.55
CA PRO A 10 20.21 0.63 10.19
C PRO A 10 18.75 0.78 9.81
N CYS A 11 18.07 -0.34 9.61
CA CYS A 11 16.66 -0.32 9.22
C CYS A 11 15.81 0.55 10.14
N ALA A 12 15.94 0.32 11.44
CA ALA A 12 15.16 1.07 12.42
C ALA A 12 16.04 1.79 13.44
N ILE A 13 15.52 2.89 13.98
CA ILE A 13 16.26 3.66 14.97
C ILE A 13 16.09 2.96 16.32
N GLU A 14 16.83 1.88 16.49
CA GLU A 14 16.79 1.09 17.72
C GLU A 14 17.20 1.95 18.91
N SER A 15 18.12 2.88 18.68
CA SER A 15 18.60 3.78 19.72
C SER A 15 19.52 4.80 19.06
N GLU A 16 19.66 5.96 19.69
CA GLU A 16 20.52 7.00 19.16
C GLU A 16 21.97 6.51 19.12
N GLU A 17 22.29 5.59 20.02
CA GLU A 17 23.64 5.03 20.08
C GLU A 17 23.95 4.19 18.84
N LEU A 18 23.01 3.35 18.45
CA LEU A 18 23.18 2.51 17.26
C LEU A 18 23.44 3.40 16.06
N LEU A 19 22.67 4.48 15.96
CA LEU A 19 22.82 5.43 14.85
C LEU A 19 24.21 6.04 14.76
N LEU A 20 24.73 6.50 15.89
CA LEU A 20 26.05 7.11 15.90
C LEU A 20 27.15 6.12 15.52
N LYS A 21 26.97 4.86 15.90
CA LYS A 21 27.95 3.81 15.58
C LYS A 21 28.02 3.59 14.08
N VAL A 22 26.85 3.49 13.44
CA VAL A 22 26.79 3.30 11.99
C VAL A 22 27.21 4.59 11.29
N GLY A 23 26.79 5.72 11.85
CA GLY A 23 27.12 7.01 11.28
C GLY A 23 28.62 7.21 11.20
N GLU A 24 29.33 6.72 12.23
CA GLU A 24 30.77 6.85 12.28
C GLU A 24 31.41 6.13 11.09
N GLU A 25 30.94 4.91 10.81
CA GLU A 25 31.48 4.13 9.70
C GLU A 25 31.11 4.75 8.35
N ILE A 26 29.88 5.24 8.22
CA ILE A 26 29.46 5.85 6.96
C ILE A 26 30.30 7.10 6.71
N LYS A 27 30.59 7.85 7.77
CA LYS A 27 31.40 9.05 7.62
C LYS A 27 32.81 8.66 7.15
N ARG A 28 33.33 7.57 7.71
CA ARG A 28 34.67 7.11 7.33
C ARG A 28 34.68 6.74 5.85
N LEU A 29 33.67 6.00 5.41
CA LEU A 29 33.60 5.60 4.00
C LEU A 29 33.40 6.81 3.09
N SER A 30 32.68 7.82 3.57
CA SER A 30 32.45 9.00 2.75
C SER A 30 33.77 9.74 2.51
N GLU A 31 34.72 9.58 3.43
CA GLU A 31 36.01 10.22 3.31
C GLU A 31 36.88 9.44 2.31
N LYS A 32 36.69 8.13 2.27
CA LYS A 32 37.45 7.29 1.35
C LYS A 32 36.86 7.37 -0.05
N PHE A 33 35.56 7.10 -0.16
CA PHE A 33 34.87 7.13 -1.44
C PHE A 33 34.33 8.52 -1.74
N LYS A 34 35.25 9.44 -2.08
CA LYS A 34 34.89 10.81 -2.36
C LYS A 34 34.03 10.99 -3.62
N GLU A 35 33.96 9.98 -4.47
CA GLU A 35 33.15 10.06 -5.68
C GLU A 35 31.71 9.64 -5.39
N VAL A 36 31.44 9.26 -4.15
CA VAL A 36 30.10 8.84 -3.75
C VAL A 36 29.41 9.86 -2.85
N GLU A 37 28.11 10.02 -3.04
CA GLU A 37 27.34 10.92 -2.19
C GLU A 37 26.61 9.99 -1.22
N PHE A 38 26.97 10.04 0.05
CA PHE A 38 26.35 9.18 1.05
C PHE A 38 25.16 9.88 1.71
N VAL A 39 24.13 9.09 1.99
CA VAL A 39 22.95 9.60 2.67
C VAL A 39 22.64 8.57 3.77
N PHE A 40 22.61 9.04 5.01
CA PHE A 40 22.35 8.16 6.15
C PHE A 40 20.85 7.93 6.29
N LYS A 41 20.46 6.67 6.38
CA LYS A 41 19.05 6.30 6.47
C LYS A 41 18.69 5.46 7.69
N SER A 42 17.54 5.77 8.28
CA SER A 42 17.00 5.00 9.39
C SER A 42 15.56 5.42 9.62
N SER A 43 14.69 4.46 9.87
CA SER A 43 13.27 4.70 10.09
C SER A 43 12.92 4.96 11.54
N PHE A 44 12.21 6.06 11.80
CA PHE A 44 11.79 6.37 13.16
C PHE A 44 10.59 5.51 13.53
N ASP A 45 9.98 4.89 12.52
CA ASP A 45 8.83 4.01 12.76
C ASP A 45 8.61 2.99 11.66
N LYS A 46 8.40 1.74 12.06
CA LYS A 46 8.10 0.66 11.13
C LYS A 46 6.59 0.58 11.27
N ALA A 47 5.91 1.41 10.50
CA ALA A 47 4.44 1.51 10.54
C ALA A 47 3.64 0.43 9.83
N ASN A 48 4.32 -0.52 9.20
CA ASN A 48 3.63 -1.57 8.46
C ASN A 48 4.07 -2.99 8.78
N ARG A 49 4.60 -3.23 9.98
CA ARG A 49 5.04 -4.58 10.34
C ARG A 49 3.87 -5.55 10.19
N SER A 50 4.17 -6.81 9.90
CA SER A 50 3.12 -7.81 9.74
C SER A 50 2.40 -8.08 11.07
N SER A 51 3.17 -8.24 12.14
CA SER A 51 2.61 -8.53 13.46
C SER A 51 2.50 -7.32 14.38
N ILE A 52 1.41 -7.27 15.14
CA ILE A 52 1.18 -6.18 16.09
C ILE A 52 2.22 -6.26 17.21
N HIS A 53 2.87 -7.42 17.34
CA HIS A 53 3.87 -7.64 18.38
C HIS A 53 5.29 -7.24 18.01
N SER A 54 5.53 -6.92 16.75
CA SER A 54 6.87 -6.55 16.31
C SER A 54 7.29 -5.13 16.66
N PHE A 55 8.59 -4.91 16.73
CA PHE A 55 9.17 -3.60 17.06
C PHE A 55 8.77 -2.55 16.02
N ARG A 56 8.37 -1.37 16.50
CA ARG A 56 8.00 -0.27 15.62
C ARG A 56 8.97 0.90 15.73
N GLY A 57 9.35 1.24 16.96
CA GLY A 57 10.28 2.34 17.16
C GLY A 57 10.00 3.13 18.42
N HIS A 58 10.68 4.26 18.57
CA HIS A 58 10.51 5.09 19.74
C HIS A 58 9.80 6.41 19.49
N GLY A 59 9.07 6.49 18.39
CA GLY A 59 8.36 7.70 18.07
C GLY A 59 9.13 8.66 17.19
N LEU A 60 8.40 9.53 16.50
CA LEU A 60 8.99 10.52 15.59
C LEU A 60 9.92 11.49 16.29
N GLU A 61 9.48 12.04 17.42
CA GLU A 61 10.29 13.00 18.16
C GLU A 61 11.68 12.44 18.48
N TYR A 62 11.72 11.25 19.04
CA TYR A 62 12.98 10.61 19.39
C TYR A 62 13.82 10.34 18.15
N GLY A 63 13.17 9.84 17.10
CA GLY A 63 13.87 9.52 15.86
C GLY A 63 14.48 10.71 15.16
N VAL A 64 13.72 11.80 15.02
CA VAL A 64 14.22 12.99 14.37
C VAL A 64 15.38 13.58 15.17
N LYS A 65 15.26 13.51 16.49
CA LYS A 65 16.31 14.00 17.37
C LYS A 65 17.58 13.18 17.15
N ALA A 66 17.42 11.86 17.04
CA ALA A 66 18.55 10.97 16.83
C ALA A 66 19.21 11.25 15.48
N LEU A 67 18.39 11.37 14.43
CA LEU A 67 18.90 11.66 13.09
C LEU A 67 19.63 13.00 13.08
N ARG A 68 19.09 13.99 13.79
CA ARG A 68 19.71 15.31 13.85
C ARG A 68 21.11 15.21 14.47
N LYS A 69 21.27 14.31 15.44
CA LYS A 69 22.56 14.14 16.09
C LYS A 69 23.55 13.58 15.07
N VAL A 70 23.10 12.63 14.25
CA VAL A 70 23.97 12.05 13.24
C VAL A 70 24.43 13.14 12.27
N LYS A 71 23.50 13.95 11.81
CA LYS A 71 23.81 15.03 10.87
C LYS A 71 24.77 16.05 11.48
N GLU A 72 24.52 16.40 12.74
CA GLU A 72 25.34 17.37 13.44
C GLU A 72 26.75 16.86 13.73
N GLU A 73 26.82 15.61 14.19
CA GLU A 73 28.10 15.00 14.55
C GLU A 73 28.96 14.59 13.36
N PHE A 74 28.35 14.11 12.29
CA PHE A 74 29.10 13.64 11.13
C PHE A 74 28.97 14.44 9.84
N GLY A 75 28.03 15.38 9.81
CA GLY A 75 27.86 16.18 8.61
C GLY A 75 27.31 15.35 7.45
N LEU A 76 26.52 14.33 7.78
CA LEU A 76 25.93 13.46 6.76
C LEU A 76 24.52 13.87 6.37
N LYS A 77 24.17 13.69 5.10
CA LYS A 77 22.82 13.98 4.63
C LYS A 77 21.93 12.93 5.28
N ILE A 78 20.66 13.26 5.46
CA ILE A 78 19.72 12.38 6.14
C ILE A 78 18.46 12.05 5.34
N THR A 79 17.99 10.81 5.48
CA THR A 79 16.74 10.40 4.85
C THR A 79 16.00 9.45 5.78
N THR A 80 14.68 9.57 5.82
CA THR A 80 13.84 8.69 6.63
C THR A 80 12.48 8.68 5.93
N ASP A 81 11.64 7.71 6.26
CA ASP A 81 10.33 7.61 5.61
C ASP A 81 9.17 8.13 6.44
N ILE A 82 8.13 8.63 5.76
CA ILE A 82 6.93 9.13 6.44
C ILE A 82 5.76 8.21 6.12
N HIS A 83 4.75 8.22 6.98
CA HIS A 83 3.63 7.30 6.82
C HIS A 83 2.27 7.96 6.71
N GLU A 84 2.18 9.20 7.15
CA GLU A 84 0.97 9.99 7.05
C GLU A 84 1.40 11.42 6.75
N SER A 85 0.55 12.17 6.07
CA SER A 85 0.85 13.53 5.66
C SER A 85 1.41 14.49 6.69
N TRP A 86 0.86 14.45 7.91
CA TRP A 86 1.30 15.35 8.97
C TRP A 86 2.76 15.21 9.34
N GLN A 87 3.36 14.05 9.04
CA GLN A 87 4.75 13.82 9.39
C GLN A 87 5.76 14.51 8.47
N ALA A 88 5.32 14.93 7.29
CA ALA A 88 6.21 15.57 6.33
C ALA A 88 6.92 16.81 6.87
N GLU A 89 6.14 17.71 7.46
CA GLU A 89 6.71 18.94 8.00
C GLU A 89 7.78 18.72 9.07
N PRO A 90 7.43 18.02 10.15
CA PRO A 90 8.45 17.80 11.19
C PRO A 90 9.68 17.04 10.70
N VAL A 91 9.46 16.09 9.81
CA VAL A 91 10.57 15.30 9.27
C VAL A 91 11.45 16.15 8.37
N ALA A 92 10.85 17.03 7.58
CA ALA A 92 11.60 17.88 6.65
C ALA A 92 12.62 18.77 7.36
N GLU A 93 12.47 18.93 8.66
CA GLU A 93 13.41 19.75 9.42
C GLU A 93 14.79 19.13 9.50
N VAL A 94 14.87 17.81 9.36
CA VAL A 94 16.16 17.13 9.43
C VAL A 94 16.50 16.32 8.17
N ALA A 95 15.47 15.78 7.53
CA ALA A 95 15.66 14.95 6.34
C ALA A 95 15.94 15.70 5.05
N ASP A 96 17.04 15.35 4.40
CA ASP A 96 17.41 15.95 3.13
C ASP A 96 16.57 15.28 2.04
N ILE A 97 16.26 14.01 2.27
CA ILE A 97 15.44 13.26 1.32
C ILE A 97 14.31 12.59 2.11
N ILE A 98 13.07 12.83 1.69
CA ILE A 98 11.93 12.23 2.37
C ILE A 98 11.58 10.97 1.59
N GLN A 99 11.51 9.83 2.28
CA GLN A 99 11.20 8.55 1.65
C GLN A 99 9.73 8.17 1.77
N ILE A 100 9.15 7.67 0.67
CA ILE A 100 7.76 7.24 0.65
C ILE A 100 7.76 5.72 0.58
N PRO A 101 7.16 5.05 1.59
CA PRO A 101 7.10 3.59 1.62
C PRO A 101 6.43 2.98 0.38
N ALA A 102 6.88 1.78 0.01
CA ALA A 102 6.38 1.05 -1.14
C ALA A 102 4.85 0.89 -1.17
N PHE A 103 4.26 0.50 -0.04
CA PHE A 103 2.81 0.32 -0.03
C PHE A 103 2.05 1.64 -0.19
N LEU A 104 2.72 2.76 0.10
CA LEU A 104 2.09 4.08 0.03
C LEU A 104 2.47 4.91 -1.20
N CYS A 105 3.09 4.28 -2.19
CA CYS A 105 3.53 5.01 -3.37
C CYS A 105 2.42 5.64 -4.22
N ARG A 106 1.18 5.27 -3.95
CA ARG A 106 0.02 5.80 -4.67
C ARG A 106 -0.83 6.77 -3.85
N GLN A 107 -0.47 6.96 -2.58
CA GLN A 107 -1.23 7.85 -1.71
C GLN A 107 -0.92 9.30 -2.01
N THR A 108 -1.77 9.90 -2.84
CA THR A 108 -1.62 11.28 -3.28
C THR A 108 -1.26 12.33 -2.23
N ASP A 109 -2.00 12.39 -1.13
CA ASP A 109 -1.72 13.38 -0.11
C ASP A 109 -0.37 13.23 0.56
N LEU A 110 0.10 11.99 0.70
CA LEU A 110 1.41 11.76 1.32
C LEU A 110 2.49 12.28 0.39
N LEU A 111 2.34 12.00 -0.91
CA LEU A 111 3.29 12.46 -1.91
C LEU A 111 3.30 13.99 -1.97
N LEU A 112 2.11 14.58 -1.95
CA LEU A 112 1.98 16.03 -1.99
C LEU A 112 2.60 16.67 -0.74
N ALA A 113 2.39 16.03 0.41
CA ALA A 113 2.91 16.54 1.68
C ALA A 113 4.43 16.59 1.66
N ALA A 114 5.03 15.55 1.07
CA ALA A 114 6.47 15.46 0.98
C ALA A 114 7.00 16.50 -0.02
N ALA A 115 6.34 16.62 -1.16
CA ALA A 115 6.77 17.53 -2.20
C ALA A 115 6.79 19.01 -1.81
N LYS A 116 5.82 19.46 -1.02
CA LYS A 116 5.77 20.88 -0.65
C LYS A 116 6.81 21.31 0.39
N THR A 117 7.51 20.35 1.00
CA THR A 117 8.53 20.68 2.00
C THR A 117 9.78 21.28 1.35
N GLY A 118 9.94 21.08 0.05
CA GLY A 118 11.11 21.59 -0.64
C GLY A 118 12.28 20.60 -0.61
N ARG A 119 12.08 19.48 0.06
CA ARG A 119 13.12 18.45 0.15
C ARG A 119 13.04 17.50 -1.03
N ALA A 120 14.09 16.71 -1.22
CA ALA A 120 14.10 15.72 -2.29
C ALA A 120 13.15 14.63 -1.82
N VAL A 121 12.58 13.90 -2.77
CA VAL A 121 11.65 12.82 -2.43
C VAL A 121 12.04 11.54 -3.14
N ASN A 122 12.09 10.45 -2.38
CA ASN A 122 12.43 9.14 -2.94
C ASN A 122 11.26 8.21 -2.69
N VAL A 123 10.64 7.75 -3.77
CA VAL A 123 9.51 6.84 -3.66
C VAL A 123 9.89 5.39 -3.93
N LYS A 124 9.60 4.52 -2.98
CA LYS A 124 9.86 3.09 -3.15
C LYS A 124 8.77 2.59 -4.08
N LYS A 125 9.15 1.92 -5.17
CA LYS A 125 8.15 1.40 -6.11
C LYS A 125 7.37 0.26 -5.49
N GLY A 126 6.05 0.40 -5.44
CA GLY A 126 5.21 -0.63 -4.86
C GLY A 126 5.40 -1.98 -5.54
N GLN A 127 5.31 -3.04 -4.75
CA GLN A 127 5.46 -4.41 -5.25
C GLN A 127 4.36 -4.75 -6.26
N PHE A 128 3.33 -3.92 -6.30
CA PHE A 128 2.19 -4.11 -7.19
C PHE A 128 2.24 -3.24 -8.43
N LEU A 129 3.21 -2.35 -8.50
CA LEU A 129 3.32 -1.41 -9.60
C LEU A 129 4.22 -1.81 -10.78
N ALA A 130 3.74 -1.60 -11.99
CA ALA A 130 4.53 -1.88 -13.20
C ALA A 130 5.49 -0.69 -13.33
N PRO A 131 6.68 -0.90 -13.92
CA PRO A 131 7.66 0.18 -14.07
C PRO A 131 7.11 1.44 -14.77
N TRP A 132 6.39 1.23 -15.85
CA TRP A 132 5.83 2.36 -16.61
C TRP A 132 4.80 3.17 -15.85
N ASP A 133 4.24 2.59 -14.78
CA ASP A 133 3.25 3.31 -14.01
C ASP A 133 3.85 4.26 -12.96
N THR A 134 5.18 4.36 -12.92
CA THR A 134 5.84 5.27 -12.00
C THR A 134 5.87 6.65 -12.64
N LYS A 135 5.55 6.73 -13.93
CA LYS A 135 5.55 8.01 -14.63
C LYS A 135 4.56 8.97 -13.95
N ASN A 136 3.38 8.47 -13.61
CA ASN A 136 2.39 9.31 -12.93
C ASN A 136 2.79 9.63 -11.50
N VAL A 137 3.62 8.78 -10.89
CA VAL A 137 4.07 9.05 -9.54
C VAL A 137 4.96 10.29 -9.59
N VAL A 138 5.85 10.32 -10.58
CA VAL A 138 6.75 11.45 -10.75
C VAL A 138 5.93 12.72 -11.07
N GLU A 139 4.91 12.56 -11.91
CA GLU A 139 4.05 13.69 -12.27
C GLU A 139 3.40 14.30 -11.04
N LYS A 140 2.92 13.45 -10.12
CA LYS A 140 2.30 13.95 -8.90
C LYS A 140 3.29 14.77 -8.08
N LEU A 141 4.50 14.24 -7.93
CA LEU A 141 5.53 14.94 -7.16
C LEU A 141 5.91 16.28 -7.77
N LYS A 142 6.08 16.31 -9.10
CA LYS A 142 6.43 17.55 -9.77
C LYS A 142 5.30 18.56 -9.57
N PHE A 143 4.07 18.07 -9.70
CA PHE A 143 2.87 18.90 -9.53
C PHE A 143 2.88 19.50 -8.12
N GLY A 144 3.35 18.72 -7.15
CA GLY A 144 3.41 19.16 -5.78
C GLY A 144 4.63 20.00 -5.39
N GLY A 145 5.50 20.30 -6.35
CA GLY A 145 6.67 21.12 -6.05
C GLY A 145 8.02 20.43 -5.91
N ALA A 146 8.07 19.11 -6.02
CA ALA A 146 9.33 18.39 -5.89
C ALA A 146 10.25 18.63 -7.09
N LYS A 147 11.50 18.99 -6.81
CA LYS A 147 12.48 19.25 -7.88
C LYS A 147 13.55 18.16 -7.99
N GLU A 148 13.73 17.39 -6.93
CA GLU A 148 14.72 16.30 -6.91
C GLU A 148 13.94 15.04 -6.54
N ILE A 149 13.72 14.18 -7.53
CA ILE A 149 12.92 12.97 -7.33
C ILE A 149 13.68 11.67 -7.63
N TYR A 150 13.49 10.69 -6.75
CA TYR A 150 14.10 9.38 -6.94
C TYR A 150 13.03 8.29 -6.93
N LEU A 151 13.27 7.23 -7.69
CA LEU A 151 12.39 6.08 -7.72
C LEU A 151 13.27 4.90 -7.31
N THR A 152 12.80 4.13 -6.34
CA THR A 152 13.58 2.99 -5.87
C THR A 152 12.99 1.64 -6.22
N GLU A 153 13.80 0.83 -6.90
CA GLU A 153 13.40 -0.52 -7.28
C GLU A 153 13.59 -1.40 -6.05
N ARG A 154 12.54 -2.09 -5.60
CA ARG A 154 12.67 -2.98 -4.46
C ARG A 154 11.96 -4.32 -4.64
N GLY A 155 11.84 -4.74 -5.90
CA GLY A 155 11.20 -6.02 -6.19
C GLY A 155 9.72 -5.92 -6.51
N THR A 156 9.19 -6.98 -7.12
CA THR A 156 7.79 -7.04 -7.51
C THR A 156 7.19 -8.37 -7.06
N THR A 157 5.92 -8.35 -6.70
CA THR A 157 5.22 -9.56 -6.27
C THR A 157 5.34 -10.66 -7.33
N PHE A 158 5.85 -11.82 -6.91
CA PHE A 158 6.06 -12.97 -7.78
C PHE A 158 5.50 -14.19 -7.02
N GLY A 159 4.21 -14.44 -7.19
CA GLY A 159 3.59 -15.54 -6.48
C GLY A 159 3.46 -15.09 -5.03
N TYR A 160 3.32 -16.04 -4.10
CA TYR A 160 3.18 -15.68 -2.70
C TYR A 160 4.50 -15.68 -1.94
N ASN A 161 4.67 -14.69 -1.07
CA ASN A 161 5.86 -14.58 -0.23
C ASN A 161 7.18 -14.60 -1.00
N ASN A 162 7.22 -13.93 -2.15
CA ASN A 162 8.43 -13.91 -2.95
C ASN A 162 8.41 -12.67 -3.82
N LEU A 163 9.58 -12.08 -4.02
CA LEU A 163 9.70 -10.91 -4.87
C LEU A 163 10.75 -11.21 -5.92
N VAL A 164 10.54 -10.68 -7.12
CA VAL A 164 11.52 -10.85 -8.18
C VAL A 164 11.93 -9.45 -8.60
N VAL A 165 13.17 -9.31 -9.04
CA VAL A 165 13.63 -8.01 -9.52
C VAL A 165 13.65 -8.07 -11.04
N ASP A 166 12.79 -7.28 -11.67
CA ASP A 166 12.74 -7.22 -13.12
C ASP A 166 13.67 -6.06 -13.47
N PHE A 167 14.91 -6.36 -13.81
CA PHE A 167 15.87 -5.30 -14.11
C PHE A 167 15.52 -4.40 -15.29
N ARG A 168 14.50 -4.76 -16.05
CA ARG A 168 14.10 -3.90 -17.16
C ARG A 168 13.53 -2.60 -16.57
N SER A 169 13.16 -2.64 -15.29
CA SER A 169 12.59 -1.46 -14.65
C SER A 169 13.59 -0.33 -14.51
N LEU A 170 14.88 -0.64 -14.39
CA LEU A 170 15.87 0.42 -14.23
C LEU A 170 15.89 1.38 -15.44
N PRO A 171 16.04 0.85 -16.66
CA PRO A 171 16.03 1.79 -17.80
C PRO A 171 14.67 2.42 -18.06
N ILE A 172 13.59 1.71 -17.73
CA ILE A 172 12.26 2.27 -17.93
C ILE A 172 12.03 3.46 -17.00
N MET A 173 12.30 3.30 -15.71
CA MET A 173 12.10 4.39 -14.77
C MET A 173 13.07 5.56 -14.97
N LYS A 174 14.25 5.27 -15.50
CA LYS A 174 15.24 6.32 -15.74
C LYS A 174 14.71 7.38 -16.71
N GLN A 175 13.66 7.03 -17.45
CA GLN A 175 13.06 7.96 -18.40
C GLN A 175 12.49 9.20 -17.71
N TRP A 176 12.11 9.06 -16.44
CA TRP A 176 11.51 10.19 -15.74
C TRP A 176 12.03 10.55 -14.36
N ALA A 177 12.99 9.81 -13.84
CA ALA A 177 13.55 10.13 -12.54
C ALA A 177 14.86 9.39 -12.31
N LYS A 178 15.61 9.83 -11.30
CA LYS A 178 16.86 9.14 -10.98
C LYS A 178 16.42 7.82 -10.35
N VAL A 179 17.18 6.76 -10.60
CA VAL A 179 16.79 5.46 -10.08
C VAL A 179 17.74 4.86 -9.05
N ILE A 180 17.15 4.36 -7.96
CA ILE A 180 17.91 3.75 -6.88
C ILE A 180 17.54 2.28 -6.77
N TYR A 181 18.52 1.42 -6.49
CA TYR A 181 18.24 0.00 -6.34
C TYR A 181 18.38 -0.38 -4.86
N ASP A 182 17.30 -0.94 -4.31
CA ASP A 182 17.26 -1.37 -2.91
C ASP A 182 17.83 -2.78 -2.88
N ALA A 183 19.08 -2.89 -2.44
CA ALA A 183 19.74 -4.19 -2.41
C ALA A 183 19.31 -5.15 -1.31
N THR A 184 18.74 -4.62 -0.23
CA THR A 184 18.34 -5.49 0.87
C THR A 184 16.88 -5.95 0.89
N HIS A 185 15.95 -5.09 0.50
CA HIS A 185 14.53 -5.48 0.50
C HIS A 185 14.11 -6.28 -0.74
N SER A 186 14.88 -6.22 -1.81
CA SER A 186 14.53 -6.92 -3.03
C SER A 186 14.70 -8.43 -2.97
N VAL A 187 15.35 -8.93 -1.93
CA VAL A 187 15.58 -10.37 -1.78
C VAL A 187 14.82 -10.96 -0.59
N GLN A 188 14.19 -10.11 0.21
CA GLN A 188 13.45 -10.57 1.38
C GLN A 188 12.14 -11.25 0.98
N LEU A 189 11.86 -12.38 1.63
CA LEU A 189 10.64 -13.14 1.37
C LEU A 189 9.50 -12.56 2.21
N PRO A 190 8.57 -11.84 1.56
CA PRO A 190 7.42 -11.23 2.22
C PRO A 190 6.73 -12.17 3.21
N GLY A 199 14.24 -13.86 3.60
CA GLY A 199 15.40 -12.99 3.57
C GLY A 199 16.67 -13.73 3.23
N MET A 200 16.86 -13.99 1.93
CA MET A 200 18.03 -14.71 1.45
C MET A 200 19.22 -13.77 1.23
N ARG A 201 20.02 -13.60 2.27
CA ARG A 201 21.19 -12.73 2.23
C ARG A 201 22.21 -13.12 1.16
N GLU A 202 22.23 -14.38 0.77
CA GLU A 202 23.19 -14.81 -0.24
C GLU A 202 22.97 -14.19 -1.61
N PHE A 203 21.80 -13.59 -1.83
CA PHE A 203 21.52 -12.97 -3.13
C PHE A 203 21.71 -11.46 -3.15
N ILE A 204 21.94 -10.86 -1.99
CA ILE A 204 22.13 -9.41 -1.93
C ILE A 204 23.26 -8.94 -2.83
N PHE A 205 24.45 -9.50 -2.64
CA PHE A 205 25.60 -9.08 -3.44
C PHE A 205 25.44 -9.35 -4.93
N PRO A 206 25.08 -10.58 -5.33
CA PRO A 206 24.94 -10.77 -6.77
C PRO A 206 23.95 -9.83 -7.46
N LEU A 207 22.81 -9.57 -6.83
CA LEU A 207 21.83 -8.68 -7.43
C LEU A 207 22.28 -7.22 -7.47
N ILE A 208 23.07 -6.80 -6.50
CA ILE A 208 23.54 -5.42 -6.53
C ILE A 208 24.54 -5.28 -7.69
N ARG A 209 25.30 -6.35 -7.97
CA ARG A 209 26.23 -6.30 -9.08
C ARG A 209 25.44 -6.15 -10.39
N ALA A 210 24.31 -6.85 -10.48
CA ALA A 210 23.46 -6.74 -11.67
C ALA A 210 22.94 -5.31 -11.83
N ALA A 211 22.49 -4.71 -10.72
CA ALA A 211 21.95 -3.36 -10.78
C ALA A 211 22.93 -2.35 -11.35
N VAL A 212 24.16 -2.38 -10.87
CA VAL A 212 25.15 -1.43 -11.37
C VAL A 212 25.59 -1.75 -12.79
N ALA A 213 25.54 -3.01 -13.20
CA ALA A 213 25.94 -3.36 -14.56
C ALA A 213 24.87 -2.86 -15.52
N VAL A 214 23.61 -2.97 -15.11
CA VAL A 214 22.49 -2.49 -15.92
C VAL A 214 22.58 -0.98 -15.95
N GLY A 215 22.80 -0.40 -14.78
CA GLY A 215 22.93 1.04 -14.65
C GLY A 215 21.84 1.69 -13.79
N CYS A 216 22.25 2.31 -12.69
CA CYS A 216 21.32 3.02 -11.82
C CYS A 216 22.06 4.24 -11.27
N ASP A 217 21.36 5.10 -10.55
CA ASP A 217 21.96 6.31 -10.03
C ASP A 217 22.39 6.20 -8.58
N GLY A 218 22.10 5.05 -7.98
CA GLY A 218 22.48 4.84 -6.60
C GLY A 218 21.96 3.53 -6.06
N VAL A 219 22.40 3.18 -4.86
CA VAL A 219 21.94 1.95 -4.23
C VAL A 219 21.51 2.26 -2.81
N PHE A 220 20.60 1.44 -2.31
CA PHE A 220 20.03 1.59 -0.98
C PHE A 220 20.36 0.29 -0.23
N MET A 221 21.01 0.41 0.92
CA MET A 221 21.39 -0.77 1.70
C MET A 221 21.18 -0.60 3.20
N GLU A 222 20.46 -1.53 3.80
CA GLU A 222 20.27 -1.47 5.25
C GLU A 222 21.48 -2.18 5.83
N THR A 223 22.11 -1.59 6.83
CA THR A 223 23.28 -2.18 7.43
C THR A 223 23.22 -2.02 8.96
N HIS A 224 23.73 -3.03 9.67
CA HIS A 224 23.68 -3.04 11.13
C HIS A 224 24.97 -3.68 11.65
N PRO A 225 25.48 -3.20 12.79
CA PRO A 225 26.72 -3.76 13.34
C PRO A 225 26.60 -5.27 13.57
N GLU A 226 25.43 -5.71 14.03
CA GLU A 226 25.18 -7.13 14.28
C GLU A 226 23.76 -7.48 13.86
N PRO A 227 23.55 -7.71 12.56
CA PRO A 227 22.25 -8.04 11.97
C PRO A 227 21.44 -9.05 12.79
N GLU A 228 22.10 -10.10 13.27
CA GLU A 228 21.43 -11.14 14.04
C GLU A 228 20.71 -10.58 15.27
N LYS A 229 21.11 -9.39 15.71
CA LYS A 229 20.50 -8.76 16.88
C LYS A 229 19.58 -7.59 16.53
N ALA A 230 19.30 -7.42 15.25
CA ALA A 230 18.44 -6.32 14.80
C ALA A 230 17.00 -6.54 15.26
N LEU A 231 16.25 -5.46 15.42
CA LEU A 231 14.87 -5.54 15.85
C LEU A 231 13.93 -5.54 14.65
N SER A 232 14.53 -5.49 13.46
CA SER A 232 13.77 -5.50 12.20
C SER A 232 14.72 -5.95 11.09
N ASP A 233 14.20 -6.76 10.17
CA ASP A 233 14.99 -7.27 9.05
C ASP A 233 16.36 -7.81 9.49
N ALA A 234 16.34 -8.63 10.54
CA ALA A 234 17.58 -9.20 11.06
C ALA A 234 18.20 -10.19 10.06
N SER A 235 17.39 -10.67 9.13
CA SER A 235 17.86 -11.62 8.13
C SER A 235 18.37 -10.98 6.85
N THR A 236 18.03 -9.71 6.62
CA THR A 236 18.45 -9.04 5.40
C THR A 236 19.44 -7.88 5.57
N GLN A 237 19.57 -7.35 6.77
CA GLN A 237 20.51 -6.24 6.98
C GLN A 237 21.94 -6.70 6.82
N LEU A 238 22.72 -5.91 6.08
CA LEU A 238 24.13 -6.22 5.84
C LEU A 238 25.02 -5.88 7.02
N PRO A 239 25.92 -6.81 7.40
CA PRO A 239 26.80 -6.51 8.54
C PRO A 239 27.61 -5.26 8.15
N LEU A 240 27.68 -4.30 9.06
CA LEU A 240 28.41 -3.06 8.79
C LEU A 240 29.83 -3.24 8.29
N SER A 241 30.52 -4.28 8.78
CA SER A 241 31.90 -4.50 8.39
C SER A 241 32.03 -4.89 6.91
N GLN A 242 30.92 -5.29 6.30
CA GLN A 242 30.94 -5.71 4.90
C GLN A 242 30.59 -4.58 3.93
N LEU A 243 30.14 -3.45 4.47
CA LEU A 243 29.73 -2.32 3.63
C LEU A 243 30.84 -1.78 2.72
N GLU A 244 32.03 -1.55 3.27
CA GLU A 244 33.15 -1.01 2.50
C GLU A 244 33.44 -1.85 1.25
N GLY A 245 33.57 -3.15 1.45
CA GLY A 245 33.86 -4.06 0.34
C GLY A 245 32.79 -4.05 -0.74
N ILE A 246 31.53 -4.03 -0.33
CA ILE A 246 30.43 -4.02 -1.29
C ILE A 246 30.46 -2.74 -2.11
N ILE A 247 30.68 -1.59 -1.44
CA ILE A 247 30.74 -0.31 -2.13
C ILE A 247 31.90 -0.30 -3.12
N GLU A 248 33.07 -0.76 -2.70
CA GLU A 248 34.20 -0.81 -3.60
C GLU A 248 33.84 -1.65 -4.82
N ALA A 249 33.23 -2.81 -4.60
CA ALA A 249 32.86 -3.67 -5.72
C ALA A 249 31.89 -3.01 -6.68
N ILE A 250 30.84 -2.36 -6.18
CA ILE A 250 29.91 -1.74 -7.10
C ILE A 250 30.51 -0.56 -7.84
N LEU A 251 31.44 0.17 -7.21
CA LEU A 251 32.08 1.29 -7.89
C LEU A 251 32.94 0.75 -9.05
N GLU A 252 33.59 -0.38 -8.84
CA GLU A 252 34.43 -0.99 -9.88
C GLU A 252 33.59 -1.49 -11.06
N ILE A 253 32.49 -2.15 -10.76
CA ILE A 253 31.62 -2.67 -11.80
C ILE A 253 30.95 -1.53 -12.56
N ARG A 254 30.50 -0.50 -11.83
CA ARG A 254 29.88 0.67 -12.45
C ARG A 254 30.84 1.32 -13.46
N GLU A 255 32.08 1.51 -13.04
CA GLU A 255 33.06 2.14 -13.91
C GLU A 255 33.27 1.39 -15.22
N VAL A 256 33.49 0.08 -15.13
CA VAL A 256 33.73 -0.71 -16.34
C VAL A 256 32.49 -0.86 -17.21
N ALA A 257 31.32 -0.83 -16.59
CA ALA A 257 30.08 -0.96 -17.36
C ALA A 257 29.58 0.38 -17.92
N SER A 258 29.92 1.46 -17.21
CA SER A 258 29.47 2.82 -17.55
C SER A 258 29.51 3.28 -19.00
N LYS A 259 30.56 2.93 -19.73
CA LYS A 259 30.66 3.36 -21.13
C LYS A 259 29.55 2.73 -21.99
N TYR A 260 28.93 1.68 -21.47
CA TYR A 260 27.88 0.98 -22.21
C TYR A 260 26.46 1.36 -21.82
N TYR A 261 26.32 2.18 -20.79
CA TYR A 261 25.01 2.64 -20.33
C TYR A 261 24.33 3.36 -21.49
N GLU A 262 23.10 2.95 -21.82
CA GLU A 262 22.35 3.57 -22.90
C GLU A 262 21.83 4.96 -22.53
N THR A 263 21.66 5.81 -23.53
CA THR A 263 21.16 7.16 -23.29
C THR A 263 19.64 7.13 -23.30
N ILE A 264 19.03 7.73 -22.27
CA ILE A 264 17.58 7.76 -22.16
C ILE A 264 16.96 8.89 -22.97
N LYS B 3 -26.58 -13.67 8.32
CA LYS B 3 -27.13 -13.75 6.93
C LYS B 3 -26.10 -13.28 5.92
N PHE B 4 -26.38 -13.52 4.64
CA PHE B 4 -25.48 -13.13 3.56
C PHE B 4 -25.37 -11.62 3.45
N LEU B 5 -24.17 -11.13 3.20
CA LEU B 5 -23.94 -9.70 3.08
C LEU B 5 -23.80 -9.23 1.64
N VAL B 6 -24.45 -8.13 1.31
CA VAL B 6 -24.34 -7.55 -0.02
C VAL B 6 -23.98 -6.07 0.16
N ILE B 7 -22.73 -5.75 -0.13
CA ILE B 7 -22.24 -4.38 -0.01
C ILE B 7 -22.24 -3.81 -1.42
N ALA B 8 -23.03 -2.75 -1.62
CA ALA B 8 -23.11 -2.15 -2.95
C ALA B 8 -23.36 -0.65 -2.92
N GLY B 9 -23.04 0.00 -4.03
CA GLY B 9 -23.23 1.44 -4.15
C GLY B 9 -22.28 1.99 -5.21
N PRO B 10 -22.40 3.28 -5.55
CA PRO B 10 -21.51 3.87 -6.56
C PRO B 10 -20.10 3.99 -6.00
N CYS B 11 -19.09 3.77 -6.84
CA CYS B 11 -17.71 3.85 -6.40
C CYS B 11 -17.41 5.11 -5.59
N ALA B 12 -17.67 6.26 -6.19
CA ALA B 12 -17.40 7.53 -5.53
C ALA B 12 -18.67 8.36 -5.34
N ILE B 13 -18.66 9.17 -4.29
CA ILE B 13 -19.79 10.05 -3.99
C ILE B 13 -19.71 11.22 -4.96
N GLU B 14 -20.27 11.01 -6.14
CA GLU B 14 -20.28 12.03 -7.18
C GLU B 14 -21.18 13.19 -6.78
N SER B 15 -22.11 12.89 -5.87
CA SER B 15 -23.07 13.86 -5.35
C SER B 15 -24.10 13.08 -4.54
N GLU B 16 -24.63 13.67 -3.48
CA GLU B 16 -25.62 12.94 -2.68
C GLU B 16 -26.84 12.65 -3.54
N GLU B 17 -26.96 13.38 -4.64
CA GLU B 17 -28.07 13.18 -5.57
C GLU B 17 -27.95 11.76 -6.13
N LEU B 18 -26.76 11.41 -6.57
CA LEU B 18 -26.50 10.07 -7.12
C LEU B 18 -26.67 9.01 -6.06
N LEU B 19 -26.23 9.30 -4.83
CA LEU B 19 -26.33 8.36 -3.74
C LEU B 19 -27.78 8.02 -3.41
N LEU B 20 -28.64 9.03 -3.41
CA LEU B 20 -30.05 8.84 -3.10
C LEU B 20 -30.73 7.92 -4.11
N LYS B 21 -30.41 8.10 -5.39
CA LYS B 21 -31.01 7.27 -6.42
C LYS B 21 -30.59 5.81 -6.23
N VAL B 22 -29.29 5.59 -6.03
CA VAL B 22 -28.80 4.24 -5.84
C VAL B 22 -29.36 3.70 -4.53
N GLY B 23 -29.37 4.53 -3.50
CA GLY B 23 -29.89 4.12 -2.21
C GLY B 23 -31.34 3.69 -2.28
N GLU B 24 -32.09 4.30 -3.19
CA GLU B 24 -33.50 4.00 -3.39
C GLU B 24 -33.66 2.57 -3.92
N GLU B 25 -32.82 2.20 -4.89
CA GLU B 25 -32.87 0.87 -5.47
C GLU B 25 -32.39 -0.15 -4.45
N ILE B 26 -31.29 0.15 -3.76
CA ILE B 26 -30.77 -0.78 -2.76
C ILE B 26 -31.80 -0.95 -1.65
N LYS B 27 -32.57 0.09 -1.36
CA LYS B 27 -33.60 -0.01 -0.34
C LYS B 27 -34.69 -0.98 -0.82
N ARG B 28 -35.01 -0.89 -2.10
CA ARG B 28 -36.03 -1.75 -2.68
C ARG B 28 -35.60 -3.22 -2.62
N LEU B 29 -34.33 -3.47 -2.93
CA LEU B 29 -33.81 -4.83 -2.90
C LEU B 29 -33.78 -5.38 -1.48
N SER B 30 -33.40 -4.54 -0.53
CA SER B 30 -33.34 -4.96 0.87
C SER B 30 -34.72 -5.38 1.35
N GLU B 31 -35.75 -4.78 0.76
CA GLU B 31 -37.13 -5.11 1.11
C GLU B 31 -37.53 -6.40 0.43
N LYS B 32 -36.99 -6.63 -0.76
CA LYS B 32 -37.29 -7.83 -1.53
C LYS B 32 -36.54 -9.05 -1.00
N PHE B 33 -35.28 -8.85 -0.60
CA PHE B 33 -34.46 -9.95 -0.09
C PHE B 33 -34.20 -9.77 1.41
N LYS B 34 -35.16 -10.19 2.23
CA LYS B 34 -35.05 -10.06 3.68
C LYS B 34 -33.97 -10.92 4.33
N GLU B 35 -33.53 -11.96 3.64
CA GLU B 35 -32.49 -12.83 4.19
C GLU B 35 -31.09 -12.31 3.84
N VAL B 36 -31.03 -11.11 3.30
CA VAL B 36 -29.76 -10.50 2.92
C VAL B 36 -29.57 -9.18 3.66
N GLU B 37 -28.37 -8.98 4.20
CA GLU B 37 -28.06 -7.74 4.89
C GLU B 37 -27.38 -6.84 3.87
N PHE B 38 -28.05 -5.75 3.51
CA PHE B 38 -27.49 -4.82 2.55
C PHE B 38 -26.72 -3.72 3.27
N VAL B 39 -25.59 -3.33 2.70
CA VAL B 39 -24.78 -2.26 3.26
C VAL B 39 -24.50 -1.31 2.11
N PHE B 40 -24.85 -0.04 2.28
CA PHE B 40 -24.62 0.95 1.24
C PHE B 40 -23.17 1.44 1.28
N LYS B 41 -22.50 1.41 0.14
CA LYS B 41 -21.09 1.83 0.08
C LYS B 41 -20.80 2.91 -0.94
N SER B 42 -19.90 3.83 -0.57
CA SER B 42 -19.46 4.88 -1.46
C SER B 42 -18.27 5.60 -0.84
N SER B 43 -17.28 5.93 -1.65
CA SER B 43 -16.07 6.60 -1.19
C SER B 43 -16.16 8.12 -1.27
N PHE B 44 -15.78 8.81 -0.20
CA PHE B 44 -15.82 10.26 -0.20
C PHE B 44 -14.55 10.82 -0.84
N ASP B 45 -13.58 9.94 -1.10
CA ASP B 45 -12.33 10.36 -1.71
C ASP B 45 -11.56 9.20 -2.33
N LYS B 46 -11.11 9.38 -3.57
CA LYS B 46 -10.31 8.37 -4.24
C LYS B 46 -8.90 8.91 -3.99
N ALA B 47 -8.35 8.51 -2.84
CA ALA B 47 -7.04 8.98 -2.40
C ALA B 47 -5.82 8.36 -3.05
N ASN B 48 -6.02 7.35 -3.90
CA ASN B 48 -4.90 6.67 -4.53
C ASN B 48 -4.97 6.58 -6.06
N ARG B 49 -5.56 7.58 -6.70
CA ARG B 49 -5.66 7.56 -8.15
C ARG B 49 -4.25 7.57 -8.73
N SER B 50 -4.09 6.98 -9.92
CA SER B 50 -2.79 6.96 -10.55
C SER B 50 -2.38 8.36 -10.99
N SER B 51 -3.32 9.09 -11.57
CA SER B 51 -3.04 10.45 -12.04
C SER B 51 -3.47 11.56 -11.09
N ILE B 52 -2.65 12.59 -10.99
CA ILE B 52 -2.97 13.74 -10.14
C ILE B 52 -4.15 14.49 -10.74
N HIS B 53 -4.38 14.31 -12.04
CA HIS B 53 -5.49 15.00 -12.70
C HIS B 53 -6.82 14.25 -12.72
N SER B 54 -6.89 13.15 -11.97
CA SER B 54 -8.13 12.38 -11.91
C SER B 54 -9.08 12.83 -10.83
N PHE B 55 -10.35 12.45 -10.97
CA PHE B 55 -11.40 12.79 -10.02
C PHE B 55 -11.15 12.17 -8.66
N ARG B 56 -11.17 12.98 -7.61
CA ARG B 56 -10.97 12.46 -6.26
C ARG B 56 -12.27 12.47 -5.47
N GLY B 57 -13.05 13.54 -5.62
CA GLY B 57 -14.30 13.61 -4.89
C GLY B 57 -14.57 15.02 -4.37
N HIS B 58 -15.56 15.13 -3.48
CA HIS B 58 -15.93 16.42 -2.92
C HIS B 58 -15.46 16.63 -1.49
N GLY B 59 -14.68 15.69 -0.97
CA GLY B 59 -14.17 15.83 0.39
C GLY B 59 -14.88 14.99 1.43
N LEU B 60 -14.26 14.87 2.59
CA LEU B 60 -14.81 14.09 3.68
C LEU B 60 -16.10 14.66 4.25
N GLU B 61 -16.16 15.97 4.43
CA GLU B 61 -17.37 16.61 4.97
C GLU B 61 -18.59 16.39 4.08
N TYR B 62 -18.46 16.74 2.80
CA TYR B 62 -19.56 16.57 1.85
C TYR B 62 -19.96 15.09 1.75
N GLY B 63 -18.97 14.22 1.86
CA GLY B 63 -19.22 12.79 1.77
C GLY B 63 -20.00 12.23 2.95
N VAL B 64 -19.55 12.55 4.16
CA VAL B 64 -20.21 12.08 5.38
C VAL B 64 -21.64 12.61 5.39
N LYS B 65 -21.81 13.84 4.90
CA LYS B 65 -23.11 14.47 4.84
C LYS B 65 -24.05 13.66 3.94
N ALA B 66 -23.57 13.31 2.75
CA ALA B 66 -24.35 12.54 1.81
C ALA B 66 -24.73 11.17 2.37
N LEU B 67 -23.76 10.47 2.93
CA LEU B 67 -24.01 9.15 3.51
C LEU B 67 -25.04 9.24 4.62
N ARG B 68 -25.05 10.37 5.31
CA ARG B 68 -26.00 10.62 6.39
C ARG B 68 -27.41 10.61 5.81
N LYS B 69 -27.57 11.33 4.70
CA LYS B 69 -28.86 11.43 4.04
C LYS B 69 -29.37 10.05 3.59
N VAL B 70 -28.45 9.18 3.19
CA VAL B 70 -28.85 7.85 2.75
C VAL B 70 -29.34 7.01 3.92
N LYS B 71 -28.59 7.01 5.01
CA LYS B 71 -28.97 6.23 6.18
C LYS B 71 -30.27 6.72 6.82
N GLU B 72 -30.44 8.04 6.84
CA GLU B 72 -31.64 8.63 7.44
C GLU B 72 -32.87 8.44 6.55
N GLU B 73 -32.69 8.62 5.24
CA GLU B 73 -33.80 8.49 4.32
C GLU B 73 -34.17 7.05 3.95
N PHE B 74 -33.25 6.11 4.15
CA PHE B 74 -33.54 4.72 3.80
C PHE B 74 -33.31 3.69 4.91
N GLY B 75 -32.69 4.12 6.00
CA GLY B 75 -32.44 3.20 7.11
C GLY B 75 -31.45 2.10 6.75
N LEU B 76 -30.59 2.38 5.78
CA LEU B 76 -29.57 1.41 5.34
C LEU B 76 -28.25 1.57 6.06
N LYS B 77 -27.59 0.46 6.34
CA LYS B 77 -26.29 0.52 6.99
C LYS B 77 -25.32 1.19 6.02
N ILE B 78 -24.25 1.77 6.54
CA ILE B 78 -23.29 2.48 5.71
C ILE B 78 -21.86 2.00 5.86
N THR B 79 -21.09 2.13 4.78
CA THR B 79 -19.68 1.77 4.79
C THR B 79 -18.95 2.67 3.80
N THR B 80 -17.74 3.07 4.19
CA THR B 80 -16.92 3.91 3.33
C THR B 80 -15.49 3.66 3.79
N ASP B 81 -14.51 4.01 2.96
CA ASP B 81 -13.12 3.77 3.32
C ASP B 81 -12.37 4.99 3.85
N ILE B 82 -11.41 4.75 4.74
CA ILE B 82 -10.60 5.81 5.30
C ILE B 82 -9.18 5.67 4.75
N HIS B 83 -8.43 6.76 4.75
CA HIS B 83 -7.09 6.74 4.18
C HIS B 83 -5.98 7.15 5.15
N GLU B 84 -6.35 7.85 6.21
CA GLU B 84 -5.41 8.27 7.24
C GLU B 84 -6.12 8.14 8.58
N SER B 85 -5.36 7.85 9.63
CA SER B 85 -5.87 7.62 10.97
C SER B 85 -6.86 8.62 11.54
N TRP B 86 -6.66 9.91 11.26
CA TRP B 86 -7.55 10.94 11.80
C TRP B 86 -8.97 10.86 11.26
N GLN B 87 -9.15 10.22 10.10
CA GLN B 87 -10.47 10.12 9.50
C GLN B 87 -11.39 9.09 10.13
N ALA B 88 -10.84 8.17 10.91
CA ALA B 88 -11.64 7.12 11.53
C ALA B 88 -12.79 7.63 12.39
N GLU B 89 -12.50 8.54 13.32
CA GLU B 89 -13.51 9.08 14.23
C GLU B 89 -14.68 9.77 13.52
N PRO B 90 -14.41 10.80 12.68
CA PRO B 90 -15.52 11.47 12.00
C PRO B 90 -16.32 10.54 11.09
N VAL B 91 -15.64 9.63 10.41
CA VAL B 91 -16.33 8.69 9.53
C VAL B 91 -17.19 7.72 10.34
N ALA B 92 -16.68 7.30 11.50
CA ALA B 92 -17.39 6.38 12.35
C ALA B 92 -18.75 6.90 12.83
N GLU B 93 -18.97 8.19 12.68
CA GLU B 93 -20.23 8.81 13.10
C GLU B 93 -21.38 8.30 12.23
N VAL B 94 -21.06 7.94 10.99
CA VAL B 94 -22.06 7.47 10.04
C VAL B 94 -21.83 6.02 9.58
N ALA B 95 -20.58 5.70 9.26
CA ALA B 95 -20.24 4.37 8.78
C ALA B 95 -20.42 3.26 9.80
N ASP B 96 -21.22 2.26 9.43
CA ASP B 96 -21.44 1.10 10.29
C ASP B 96 -20.23 0.17 10.18
N ILE B 97 -19.62 0.17 8.99
CA ILE B 97 -18.44 -0.63 8.73
C ILE B 97 -17.39 0.29 8.13
N ILE B 98 -16.20 0.32 8.72
CA ILE B 98 -15.14 1.16 8.20
C ILE B 98 -14.27 0.30 7.28
N GLN B 99 -14.08 0.74 6.05
CA GLN B 99 -13.30 0.01 5.06
C GLN B 99 -11.83 0.48 5.00
N ILE B 100 -10.92 -0.49 4.96
CA ILE B 100 -9.48 -0.20 4.86
C ILE B 100 -9.04 -0.54 3.45
N PRO B 101 -8.51 0.45 2.70
CA PRO B 101 -8.06 0.24 1.32
C PRO B 101 -7.02 -0.87 1.20
N ALA B 102 -6.98 -1.52 0.04
CA ALA B 102 -6.04 -2.62 -0.22
C ALA B 102 -4.58 -2.27 0.00
N PHE B 103 -4.15 -1.14 -0.54
CA PHE B 103 -2.75 -0.72 -0.40
C PHE B 103 -2.40 -0.42 1.06
N LEU B 104 -3.41 -0.15 1.88
CA LEU B 104 -3.19 0.22 3.27
C LEU B 104 -3.46 -0.88 4.31
N CYS B 105 -3.70 -2.10 3.84
CA CYS B 105 -4.01 -3.20 4.76
C CYS B 105 -2.93 -3.56 5.77
N ARG B 106 -1.74 -3.00 5.63
CA ARG B 106 -0.65 -3.28 6.56
C ARG B 106 -0.33 -2.08 7.45
N GLN B 107 -1.03 -0.97 7.25
CA GLN B 107 -0.77 0.23 8.06
C GLN B 107 -1.40 0.09 9.44
N THR B 108 -0.57 -0.34 10.39
CA THR B 108 -0.98 -0.56 11.76
C THR B 108 -1.85 0.53 12.40
N ASP B 109 -1.40 1.78 12.34
CA ASP B 109 -2.18 2.87 12.94
C ASP B 109 -3.54 3.09 12.30
N LEU B 110 -3.66 2.83 11.01
CA LEU B 110 -4.93 3.02 10.32
C LEU B 110 -5.92 1.97 10.83
N LEU B 111 -5.44 0.74 10.95
CA LEU B 111 -6.27 -0.36 11.44
C LEU B 111 -6.67 -0.14 12.90
N LEU B 112 -5.74 0.35 13.71
CA LEU B 112 -6.03 0.60 15.11
C LEU B 112 -7.02 1.75 15.27
N ALA B 113 -6.87 2.77 14.45
CA ALA B 113 -7.77 3.93 14.50
C ALA B 113 -9.19 3.50 14.13
N ALA B 114 -9.30 2.58 13.18
CA ALA B 114 -10.61 2.09 12.76
C ALA B 114 -11.23 1.26 13.88
N ALA B 115 -10.44 0.36 14.45
CA ALA B 115 -10.90 -0.51 15.54
C ALA B 115 -11.33 0.25 16.79
N LYS B 116 -10.68 1.38 17.05
CA LYS B 116 -10.98 2.19 18.23
C LYS B 116 -12.35 2.85 18.19
N THR B 117 -12.91 3.04 16.99
CA THR B 117 -14.22 3.65 16.84
C THR B 117 -15.35 2.75 17.33
N GLY B 118 -15.03 1.47 17.53
CA GLY B 118 -16.04 0.52 17.98
C GLY B 118 -16.83 -0.10 16.83
N ARG B 119 -16.68 0.48 15.65
CA ARG B 119 -17.38 0.00 14.46
C ARG B 119 -16.79 -1.29 13.91
N ALA B 120 -17.48 -1.87 12.94
CA ALA B 120 -17.01 -3.09 12.30
C ALA B 120 -15.94 -2.63 11.33
N VAL B 121 -15.00 -3.49 11.00
CA VAL B 121 -13.93 -3.14 10.07
C VAL B 121 -13.79 -4.17 8.96
N ASN B 122 -13.72 -3.70 7.72
CA ASN B 122 -13.59 -4.55 6.54
C ASN B 122 -12.26 -4.19 5.86
N VAL B 123 -11.30 -5.11 5.88
CA VAL B 123 -10.00 -4.84 5.26
C VAL B 123 -9.90 -5.46 3.87
N LYS B 124 -9.60 -4.64 2.88
CA LYS B 124 -9.43 -5.12 1.51
C LYS B 124 -8.05 -5.78 1.49
N LYS B 125 -7.97 -7.04 1.08
CA LYS B 125 -6.69 -7.73 1.04
C LYS B 125 -5.77 -7.17 -0.04
N GLY B 126 -4.60 -6.69 0.37
CA GLY B 126 -3.66 -6.13 -0.58
C GLY B 126 -3.32 -7.08 -1.71
N GLN B 127 -3.09 -6.53 -2.90
CA GLN B 127 -2.76 -7.31 -4.09
C GLN B 127 -1.40 -8.01 -3.92
N PHE B 128 -0.67 -7.60 -2.88
CA PHE B 128 0.65 -8.13 -2.58
C PHE B 128 0.64 -9.16 -1.44
N LEU B 129 -0.51 -9.31 -0.79
CA LEU B 129 -0.65 -10.20 0.36
C LEU B 129 -1.07 -11.64 0.07
N ALA B 130 -0.42 -12.60 0.75
CA ALA B 130 -0.79 -14.00 0.61
C ALA B 130 -1.98 -14.20 1.54
N PRO B 131 -2.88 -15.15 1.21
CA PRO B 131 -4.07 -15.42 2.02
C PRO B 131 -3.79 -15.65 3.50
N TRP B 132 -2.78 -16.48 3.78
CA TRP B 132 -2.42 -16.80 5.16
C TRP B 132 -1.84 -15.63 5.93
N ASP B 133 -1.39 -14.59 5.23
CA ASP B 133 -0.82 -13.44 5.92
C ASP B 133 -1.87 -12.44 6.39
N THR B 134 -3.14 -12.78 6.23
CA THR B 134 -4.22 -11.92 6.68
C THR B 134 -4.52 -12.25 8.15
N LYS B 135 -3.97 -13.36 8.63
CA LYS B 135 -4.19 -13.75 10.01
C LYS B 135 -3.68 -12.63 10.94
N ASN B 136 -2.51 -12.08 10.62
CA ASN B 136 -1.93 -11.00 11.41
C ASN B 136 -2.76 -9.72 11.31
N VAL B 137 -3.39 -9.51 10.16
CA VAL B 137 -4.23 -8.33 9.96
C VAL B 137 -5.39 -8.37 10.97
N VAL B 138 -6.02 -9.53 11.07
CA VAL B 138 -7.13 -9.73 12.00
C VAL B 138 -6.66 -9.52 13.43
N GLU B 139 -5.50 -10.06 13.76
CA GLU B 139 -4.96 -9.92 15.10
C GLU B 139 -4.78 -8.46 15.49
N LYS B 140 -4.26 -7.65 14.58
CA LYS B 140 -4.09 -6.22 14.86
C LYS B 140 -5.42 -5.61 15.26
N LEU B 141 -6.45 -5.89 14.47
CA LEU B 141 -7.79 -5.36 14.73
C LEU B 141 -8.34 -5.83 16.06
N LYS B 142 -8.21 -7.11 16.37
CA LYS B 142 -8.70 -7.64 17.64
C LYS B 142 -7.97 -6.94 18.78
N PHE B 143 -6.66 -6.78 18.63
CA PHE B 143 -5.84 -6.11 19.62
C PHE B 143 -6.37 -4.70 19.82
N GLY B 144 -6.82 -4.09 18.72
CA GLY B 144 -7.34 -2.73 18.77
C GLY B 144 -8.76 -2.59 19.28
N GLY B 145 -9.40 -3.72 19.59
CA GLY B 145 -10.76 -3.67 20.12
C GLY B 145 -11.88 -4.02 19.15
N ALA B 146 -11.52 -4.36 17.91
CA ALA B 146 -12.52 -4.71 16.91
C ALA B 146 -13.09 -6.09 17.20
N LYS B 147 -14.39 -6.25 16.99
CA LYS B 147 -15.05 -7.54 17.22
C LYS B 147 -15.69 -8.09 15.96
N GLU B 148 -16.16 -7.19 15.08
CA GLU B 148 -16.78 -7.59 13.82
C GLU B 148 -15.74 -7.28 12.75
N ILE B 149 -15.07 -8.31 12.26
CA ILE B 149 -14.01 -8.13 11.28
C ILE B 149 -14.24 -8.86 9.95
N TYR B 150 -14.02 -8.15 8.85
CA TYR B 150 -14.19 -8.75 7.53
C TYR B 150 -12.90 -8.61 6.72
N LEU B 151 -12.67 -9.58 5.83
CA LEU B 151 -11.52 -9.56 4.93
C LEU B 151 -12.13 -9.65 3.54
N THR B 152 -11.73 -8.76 2.64
CA THR B 152 -12.28 -8.77 1.30
C THR B 152 -11.27 -9.18 0.23
N GLU B 153 -11.64 -10.20 -0.54
CA GLU B 153 -10.82 -10.70 -1.62
C GLU B 153 -11.04 -9.76 -2.81
N ARG B 154 -9.95 -9.20 -3.35
CA ARG B 154 -10.08 -8.30 -4.49
C ARG B 154 -9.00 -8.53 -5.55
N GLY B 155 -8.45 -9.75 -5.56
CA GLY B 155 -7.44 -10.10 -6.55
C GLY B 155 -6.00 -9.98 -6.08
N THR B 156 -5.11 -10.65 -6.79
CA THR B 156 -3.69 -10.65 -6.46
C THR B 156 -2.86 -10.29 -7.69
N THR B 157 -1.75 -9.59 -7.47
CA THR B 157 -0.88 -9.17 -8.56
C THR B 157 -0.43 -10.38 -9.38
N PHE B 158 -0.68 -10.32 -10.69
CA PHE B 158 -0.33 -11.41 -11.60
C PHE B 158 0.38 -10.80 -12.79
N GLY B 159 1.69 -10.65 -12.69
CA GLY B 159 2.43 -10.01 -13.76
C GLY B 159 2.10 -8.52 -13.66
N TYR B 160 2.24 -7.77 -14.74
CA TYR B 160 1.94 -6.35 -14.72
C TYR B 160 0.54 -6.02 -15.22
N ASN B 161 -0.10 -5.04 -14.59
CA ASN B 161 -1.42 -4.57 -15.00
C ASN B 161 -2.47 -5.67 -15.12
N ASN B 162 -2.45 -6.62 -14.20
CA ASN B 162 -3.41 -7.70 -14.22
C ASN B 162 -3.52 -8.29 -12.83
N LEU B 163 -4.74 -8.70 -12.48
CA LEU B 163 -5.00 -9.31 -11.19
C LEU B 163 -5.68 -10.64 -11.46
N VAL B 164 -5.37 -11.62 -10.62
CA VAL B 164 -5.99 -12.93 -10.74
C VAL B 164 -6.66 -13.18 -9.39
N VAL B 165 -7.76 -13.92 -9.41
CA VAL B 165 -8.44 -14.26 -8.16
C VAL B 165 -8.13 -15.71 -7.86
N ASP B 166 -7.40 -15.93 -6.77
CA ASP B 166 -7.04 -17.27 -6.35
C ASP B 166 -8.13 -17.64 -5.35
N PHE B 167 -9.14 -18.38 -5.81
CA PHE B 167 -10.24 -18.74 -4.92
C PHE B 167 -9.90 -19.59 -3.72
N ARG B 168 -8.66 -20.08 -3.66
CA ARG B 168 -8.23 -20.85 -2.51
C ARG B 168 -8.18 -19.91 -1.30
N SER B 169 -8.12 -18.62 -1.58
CA SER B 169 -8.07 -17.62 -0.50
C SER B 169 -9.34 -17.56 0.35
N LEU B 170 -10.48 -17.88 -0.25
CA LEU B 170 -11.74 -17.84 0.48
C LEU B 170 -11.74 -18.78 1.69
N PRO B 171 -11.49 -20.09 1.47
CA PRO B 171 -11.48 -20.99 2.63
C PRO B 171 -10.32 -20.72 3.61
N ILE B 172 -9.21 -20.21 3.10
CA ILE B 172 -8.07 -19.92 3.97
C ILE B 172 -8.39 -18.75 4.91
N MET B 173 -8.92 -17.66 4.37
CA MET B 173 -9.23 -16.49 5.19
C MET B 173 -10.39 -16.70 6.16
N LYS B 174 -11.29 -17.61 5.79
CA LYS B 174 -12.45 -17.93 6.62
C LYS B 174 -12.05 -18.48 7.99
N GLN B 175 -10.80 -18.90 8.13
CA GLN B 175 -10.33 -19.44 9.39
C GLN B 175 -10.29 -18.39 10.50
N TRP B 176 -10.13 -17.12 10.11
CA TRP B 176 -10.03 -16.08 11.13
C TRP B 176 -10.93 -14.85 10.95
N ALA B 177 -11.74 -14.84 9.90
CA ALA B 177 -12.64 -13.72 9.70
C ALA B 177 -13.73 -14.03 8.69
N LYS B 178 -14.73 -13.17 8.63
CA LYS B 178 -15.82 -13.36 7.67
C LYS B 178 -15.18 -12.89 6.37
N VAL B 179 -15.52 -13.54 5.27
CA VAL B 179 -14.93 -13.20 3.99
C VAL B 179 -15.92 -12.64 2.98
N ILE B 180 -15.52 -11.53 2.37
CA ILE B 180 -16.32 -10.85 1.36
C ILE B 180 -15.59 -10.93 0.03
N TYR B 181 -16.33 -11.14 -1.06
CA TYR B 181 -15.70 -11.19 -2.37
C TYR B 181 -16.03 -9.90 -3.11
N ASP B 182 -15.00 -9.18 -3.53
CA ASP B 182 -15.16 -7.93 -4.27
C ASP B 182 -15.29 -8.33 -5.74
N ALA B 183 -16.50 -8.28 -6.28
CA ALA B 183 -16.74 -8.68 -7.66
C ALA B 183 -16.37 -7.67 -8.73
N THR B 184 -16.22 -6.41 -8.36
CA THR B 184 -15.90 -5.40 -9.36
C THR B 184 -14.42 -5.08 -9.56
N HIS B 185 -13.66 -4.98 -8.48
CA HIS B 185 -12.24 -4.66 -8.61
C HIS B 185 -11.35 -5.86 -8.91
N SER B 186 -11.88 -7.06 -8.69
CA SER B 186 -11.11 -8.28 -8.93
C SER B 186 -10.84 -8.56 -10.40
N VAL B 187 -11.64 -7.95 -11.28
CA VAL B 187 -11.48 -8.13 -12.72
C VAL B 187 -10.84 -6.88 -13.33
N GLN B 188 -10.61 -5.88 -12.49
CA GLN B 188 -10.00 -4.64 -12.94
C GLN B 188 -8.53 -4.84 -13.29
N LEU B 189 -8.05 -4.12 -14.30
CA LEU B 189 -6.67 -4.21 -14.74
C LEU B 189 -5.91 -2.97 -14.29
N PRO B 190 -5.05 -3.11 -13.26
CA PRO B 190 -4.25 -2.00 -12.72
C PRO B 190 -3.56 -1.17 -13.80
N GLY B 199 -10.59 -3.14 -16.52
CA GLY B 199 -11.27 -4.36 -16.12
C GLY B 199 -12.39 -4.75 -17.07
N MET B 200 -12.54 -6.04 -17.31
CA MET B 200 -13.58 -6.54 -18.20
C MET B 200 -14.86 -6.88 -17.45
N ARG B 201 -15.92 -6.13 -17.74
CA ARG B 201 -17.21 -6.34 -17.10
C ARG B 201 -17.76 -7.74 -17.42
N GLU B 202 -17.31 -8.30 -18.53
CA GLU B 202 -17.76 -9.62 -18.96
C GLU B 202 -17.42 -10.73 -17.95
N PHE B 203 -16.45 -10.49 -17.08
CA PHE B 203 -16.06 -11.50 -16.10
C PHE B 203 -16.63 -11.30 -14.71
N ILE B 204 -17.32 -10.18 -14.49
CA ILE B 204 -17.89 -9.91 -13.18
C ILE B 204 -18.86 -10.98 -12.68
N PHE B 205 -19.89 -11.27 -13.46
CA PHE B 205 -20.90 -12.25 -13.07
C PHE B 205 -20.33 -13.66 -12.94
N PRO B 206 -19.55 -14.12 -13.93
CA PRO B 206 -18.97 -15.46 -13.85
C PRO B 206 -18.19 -15.68 -12.55
N LEU B 207 -17.34 -14.72 -12.19
CA LEU B 207 -16.54 -14.87 -10.98
C LEU B 207 -17.33 -14.73 -9.69
N ILE B 208 -18.44 -13.99 -9.73
CA ILE B 208 -19.29 -13.86 -8.55
C ILE B 208 -19.90 -15.25 -8.31
N ARG B 209 -20.31 -15.90 -9.39
CA ARG B 209 -20.89 -17.23 -9.27
C ARG B 209 -19.86 -18.17 -8.63
N ALA B 210 -18.61 -18.07 -9.07
CA ALA B 210 -17.55 -18.91 -8.51
C ALA B 210 -17.40 -18.65 -7.00
N ALA B 211 -17.43 -17.39 -6.61
CA ALA B 211 -17.27 -17.03 -5.21
C ALA B 211 -18.31 -17.67 -4.29
N VAL B 212 -19.58 -17.65 -4.71
CA VAL B 212 -20.62 -18.24 -3.89
C VAL B 212 -20.62 -19.76 -3.95
N ALA B 213 -20.14 -20.32 -5.07
CA ALA B 213 -20.07 -21.78 -5.17
C ALA B 213 -18.97 -22.26 -4.23
N VAL B 214 -17.89 -21.48 -4.11
CA VAL B 214 -16.79 -21.83 -3.22
C VAL B 214 -17.23 -21.63 -1.78
N GLY B 215 -17.85 -20.47 -1.54
CA GLY B 215 -18.32 -20.14 -0.21
C GLY B 215 -17.71 -18.89 0.37
N CYS B 216 -18.54 -17.88 0.59
CA CYS B 216 -18.10 -16.63 1.20
C CYS B 216 -19.25 -16.09 2.03
N ASP B 217 -18.98 -15.06 2.83
CA ASP B 217 -20.01 -14.49 3.69
C ASP B 217 -20.71 -13.29 3.10
N GLY B 218 -20.25 -12.84 1.94
CA GLY B 218 -20.88 -11.71 1.31
C GLY B 218 -20.17 -11.31 0.04
N VAL B 219 -20.82 -10.43 -0.73
CA VAL B 219 -20.26 -9.95 -1.97
C VAL B 219 -20.27 -8.42 -1.96
N PHE B 220 -19.25 -7.85 -2.60
CA PHE B 220 -19.09 -6.42 -2.71
C PHE B 220 -19.20 -6.07 -4.19
N MET B 221 -20.09 -5.14 -4.52
CA MET B 221 -20.30 -4.73 -5.91
C MET B 221 -20.52 -3.24 -6.08
N GLU B 222 -19.77 -2.64 -6.99
CA GLU B 222 -19.95 -1.23 -7.28
C GLU B 222 -21.02 -1.17 -8.36
N THR B 223 -22.04 -0.34 -8.14
CA THR B 223 -23.12 -0.21 -9.08
C THR B 223 -23.45 1.26 -9.34
N HIS B 224 -23.79 1.57 -10.58
CA HIS B 224 -24.09 2.95 -10.95
C HIS B 224 -25.21 2.98 -12.00
N PRO B 225 -26.14 3.95 -11.89
CA PRO B 225 -27.24 4.07 -12.84
C PRO B 225 -26.76 4.13 -14.28
N GLU B 226 -25.66 4.84 -14.50
CA GLU B 226 -25.07 4.97 -15.83
C GLU B 226 -23.56 4.87 -15.71
N PRO B 227 -23.03 3.63 -15.61
CA PRO B 227 -21.60 3.38 -15.48
C PRO B 227 -20.73 4.19 -16.45
N GLU B 228 -21.13 4.23 -17.71
CA GLU B 228 -20.38 4.96 -18.72
C GLU B 228 -20.20 6.44 -18.36
N LYS B 229 -21.17 7.00 -17.65
CA LYS B 229 -21.12 8.39 -17.24
C LYS B 229 -20.52 8.57 -15.84
N ALA B 230 -20.15 7.46 -15.21
CA ALA B 230 -19.57 7.50 -13.87
C ALA B 230 -18.24 8.26 -13.89
N LEU B 231 -17.93 8.93 -12.78
CA LEU B 231 -16.70 9.69 -12.66
C LEU B 231 -15.54 8.82 -12.18
N SER B 232 -15.80 7.52 -12.06
CA SER B 232 -14.79 6.57 -11.61
C SER B 232 -15.25 5.16 -11.95
N ASP B 233 -14.29 4.30 -12.33
CA ASP B 233 -14.58 2.92 -12.69
C ASP B 233 -15.76 2.81 -13.66
N ALA B 234 -15.76 3.66 -14.69
CA ALA B 234 -16.84 3.66 -15.67
C ALA B 234 -16.87 2.35 -16.46
N SER B 235 -15.80 1.56 -16.34
CA SER B 235 -15.71 0.31 -17.06
C SER B 235 -16.26 -0.90 -16.30
N THR B 236 -15.96 -0.96 -15.00
CA THR B 236 -16.40 -2.07 -14.18
C THR B 236 -17.65 -1.90 -13.32
N GLN B 237 -18.09 -0.67 -13.10
CA GLN B 237 -19.28 -0.48 -12.28
C GLN B 237 -20.50 -1.13 -12.92
N LEU B 238 -21.18 -1.96 -12.15
CA LEU B 238 -22.35 -2.69 -12.61
C LEU B 238 -23.58 -1.78 -12.80
N PRO B 239 -24.28 -1.92 -13.95
CA PRO B 239 -25.46 -1.11 -14.20
C PRO B 239 -26.50 -1.41 -13.12
N LEU B 240 -26.97 -0.37 -12.45
CA LEU B 240 -27.95 -0.51 -11.36
C LEU B 240 -29.07 -1.52 -11.63
N SER B 241 -29.61 -1.47 -12.85
CA SER B 241 -30.71 -2.34 -13.25
C SER B 241 -30.38 -3.84 -13.25
N GLN B 242 -29.09 -4.17 -13.31
CA GLN B 242 -28.66 -5.56 -13.34
C GLN B 242 -28.42 -6.15 -11.96
N LEU B 243 -28.43 -5.29 -10.94
CA LEU B 243 -28.16 -5.73 -9.57
C LEU B 243 -29.14 -6.78 -9.04
N GLU B 244 -30.43 -6.57 -9.23
CA GLU B 244 -31.43 -7.52 -8.73
C GLU B 244 -31.20 -8.92 -9.28
N GLY B 245 -31.02 -9.03 -10.60
CA GLY B 245 -30.80 -10.32 -11.22
C GLY B 245 -29.59 -11.05 -10.68
N ILE B 246 -28.50 -10.34 -10.47
CA ILE B 246 -27.28 -10.95 -9.95
C ILE B 246 -27.47 -11.43 -8.51
N ILE B 247 -28.17 -10.64 -7.71
CA ILE B 247 -28.39 -11.02 -6.33
C ILE B 247 -29.24 -12.29 -6.27
N GLU B 248 -30.31 -12.34 -7.04
CA GLU B 248 -31.18 -13.52 -7.06
C GLU B 248 -30.35 -14.73 -7.48
N ALA B 249 -29.50 -14.54 -8.49
CA ALA B 249 -28.65 -15.61 -8.98
C ALA B 249 -27.69 -16.13 -7.92
N ILE B 250 -27.01 -15.24 -7.21
CA ILE B 250 -26.09 -15.74 -6.20
C ILE B 250 -26.81 -16.36 -5.01
N LEU B 251 -28.03 -15.92 -4.73
CA LEU B 251 -28.78 -16.50 -3.62
C LEU B 251 -29.18 -17.94 -3.96
N GLU B 252 -29.58 -18.16 -5.22
CA GLU B 252 -29.97 -19.50 -5.66
C GLU B 252 -28.76 -20.42 -5.67
N ILE B 253 -27.63 -19.95 -6.17
CA ILE B 253 -26.42 -20.78 -6.21
C ILE B 253 -25.97 -21.11 -4.79
N ARG B 254 -26.00 -20.11 -3.91
CA ARG B 254 -25.60 -20.29 -2.52
C ARG B 254 -26.48 -21.34 -1.82
N GLU B 255 -27.79 -21.24 -2.07
CA GLU B 255 -28.74 -22.17 -1.45
C GLU B 255 -28.35 -23.61 -1.72
N VAL B 256 -28.03 -23.91 -2.98
CA VAL B 256 -27.65 -25.27 -3.37
C VAL B 256 -26.22 -25.64 -2.95
N ALA B 257 -25.28 -24.75 -3.21
CA ALA B 257 -23.87 -25.00 -2.91
C ALA B 257 -23.50 -25.05 -1.44
N SER B 258 -24.20 -24.26 -0.62
CA SER B 258 -23.91 -24.18 0.81
C SER B 258 -23.88 -25.54 1.49
N LYS B 259 -24.61 -26.50 0.94
CA LYS B 259 -24.63 -27.85 1.51
C LYS B 259 -23.22 -28.41 1.54
N TYR B 260 -22.39 -27.97 0.59
CA TYR B 260 -21.02 -28.47 0.48
C TYR B 260 -19.90 -27.62 1.02
N TYR B 261 -20.22 -26.47 1.61
CA TYR B 261 -19.18 -25.61 2.16
C TYR B 261 -18.46 -26.37 3.27
N GLU B 262 -17.14 -26.44 3.20
CA GLU B 262 -16.33 -27.14 4.20
C GLU B 262 -16.38 -26.45 5.55
N THR B 263 -16.37 -27.24 6.63
CA THR B 263 -16.41 -26.70 7.99
C THR B 263 -15.16 -25.93 8.38
N ILE B 264 -15.36 -24.64 8.69
CA ILE B 264 -14.30 -23.70 9.08
C ILE B 264 -13.04 -23.74 8.24
#